data_7XQE
#
_entry.id   7XQE
#
_cell.length_a   83.470
_cell.length_b   83.470
_cell.length_c   317.319
_cell.angle_alpha   90.000
_cell.angle_beta   90.000
_cell.angle_gamma   90.000
#
_symmetry.space_group_name_H-M   'I 41 2 2'
#
loop_
_entity.id
_entity.type
_entity.pdbx_description
1 polymer 'Nuclear receptor ROR-gamma'
2 non-polymer 2,4-difluoro-N-(1-((4-(trifluoromethyl)benzyl)sulfonyl)-1,2,3,4-tetrahydroquinolin-7-yl)benzenesulfonamide
3 non-polymer GLYCEROL
4 non-polymer ETHANOL
5 water water
#
_entity_poly.entity_id   1
_entity_poly.type   'polypeptide(L)'
_entity_poly.pdbx_seq_one_letter_code
;EGDIHMKKGYHHHHHLVPRGSAPYASLTEIEHLVQSVCKSYRETCQLRLEDLLRQRSNIFSREEVTGYQRKSMWEMWERC
AHHLTEAIQYVVEFAKRLSGFMELCQNDQIVLLKAGAMEVVLVRMCRAYNADNRTVFFEGKYGGMELFRALGCSELISSI
FDFSHSLSALHFSEDEIALYTALVLINAHRPGLQEKRKVEQLQYNLELAFHHHLEKTHRQSILAKLPPKGKLRSLCSQHV
ERLQIFQHLHPIVVQAAFPPLYKELFS
;
_entity_poly.pdbx_strand_id   A,B
#
# COMPACT_ATOMS: atom_id res chain seq x y z
N SER A 26 37.81 20.09 21.86
CA SER A 26 36.39 19.65 21.60
C SER A 26 35.60 20.71 20.79
N LEU A 27 36.22 21.16 19.70
CA LEU A 27 35.57 22.04 18.70
C LEU A 27 35.92 21.53 17.27
N THR A 28 37.22 21.45 16.99
CA THR A 28 37.73 20.71 15.82
C THR A 28 37.70 19.20 16.05
N GLU A 29 37.79 18.76 17.32
CA GLU A 29 37.66 17.35 17.70
C GLU A 29 36.24 16.82 17.41
N ILE A 30 35.23 17.61 17.80
CA ILE A 30 33.83 17.24 17.57
C ILE A 30 33.44 17.35 16.08
N GLU A 31 33.97 18.36 15.39
CA GLU A 31 33.81 18.47 13.93
C GLU A 31 34.45 17.31 13.15
N HIS A 32 35.51 16.70 13.71
CA HIS A 32 36.12 15.51 13.09
C HIS A 32 35.30 14.26 13.36
N LEU A 33 34.63 14.22 14.51
CA LEU A 33 33.75 13.10 14.86
C LEU A 33 32.54 13.03 13.95
N VAL A 34 31.90 14.17 13.67
CA VAL A 34 30.83 14.26 12.64
C VAL A 34 31.29 13.79 11.26
N GLN A 35 32.41 14.32 10.78
CA GLN A 35 32.99 13.91 9.51
C GLN A 35 33.25 12.40 9.49
N SER A 36 33.75 11.89 10.61
CA SER A 36 34.08 10.48 10.76
C SER A 36 32.84 9.58 10.76
N VAL A 37 31.86 9.93 11.59
CA VAL A 37 30.61 9.15 11.70
C VAL A 37 29.91 9.12 10.34
N CYS A 38 29.77 10.29 9.72
CA CYS A 38 29.18 10.39 8.39
C CYS A 38 29.89 9.57 7.31
N LYS A 39 31.22 9.55 7.36
CA LYS A 39 32.00 8.76 6.39
C LYS A 39 31.84 7.26 6.62
N SER A 40 31.88 6.85 7.89
CA SER A 40 31.65 5.46 8.29
C SER A 40 30.27 4.98 7.88
N TYR A 41 29.28 5.84 8.06
CA TYR A 41 27.92 5.55 7.57
C TYR A 41 27.92 5.39 6.06
N ARG A 42 28.44 6.38 5.32
CA ARG A 42 28.42 6.35 3.84
C ARG A 42 29.09 5.12 3.25
N GLU A 43 30.22 4.72 3.82
CA GLU A 43 30.97 3.55 3.35
C GLU A 43 30.41 2.21 3.84
N THR A 44 29.44 2.24 4.75
CA THR A 44 28.72 1.04 5.20
C THR A 44 27.21 1.08 4.87
N CYS A 45 26.72 2.16 4.26
CA CYS A 45 25.35 2.15 3.72
C CYS A 45 25.44 1.18 2.57
N GLN A 46 24.39 0.41 2.36
CA GLN A 46 24.45 -0.64 1.37
C GLN A 46 24.24 -0.03 -0.01
N LEU A 47 23.25 0.85 -0.11
CA LEU A 47 22.82 1.47 -1.33
C LEU A 47 23.06 2.98 -1.25
N ARG A 48 23.52 3.56 -2.35
CA ARG A 48 23.62 5.01 -2.41
C ARG A 48 22.21 5.60 -2.56
N LEU A 49 21.99 6.72 -1.87
CA LEU A 49 20.69 7.35 -1.83
C LEU A 49 20.20 7.77 -3.23
N GLU A 50 21.10 8.28 -4.07
CA GLU A 50 20.71 8.76 -5.39
C GLU A 50 20.11 7.64 -6.22
N ASP A 51 20.69 6.42 -6.11
CA ASP A 51 20.12 5.23 -6.74
C ASP A 51 18.76 4.86 -6.16
N LEU A 52 18.61 4.96 -4.85
CA LEU A 52 17.32 4.67 -4.22
C LEU A 52 16.24 5.62 -4.69
N LEU A 53 16.55 6.92 -4.74
CA LEU A 53 15.58 7.93 -5.21
C LEU A 53 15.25 7.75 -6.70
N ARG A 54 16.28 7.57 -7.52
CA ARG A 54 16.08 7.37 -8.97
C ARG A 54 15.20 6.15 -9.25
N GLN A 55 15.48 5.06 -8.55
CA GLN A 55 14.80 3.80 -8.80
C GLN A 55 13.36 3.74 -8.29
N ARG A 56 12.88 4.79 -7.61
CA ARG A 56 11.47 4.91 -7.24
C ARG A 56 10.48 4.70 -8.38
N SER A 57 10.85 5.09 -9.60
CA SER A 57 10.00 4.95 -10.78
C SER A 57 9.98 3.53 -11.35
N ASN A 58 10.95 2.70 -10.93
CA ASN A 58 11.09 1.34 -11.40
C ASN A 58 10.28 0.43 -10.43
N ILE A 59 8.99 0.26 -10.74
CA ILE A 59 8.03 -0.47 -9.92
C ILE A 59 7.83 -1.88 -10.46
N PHE A 60 7.71 -2.86 -9.56
CA PHE A 60 7.38 -4.24 -9.94
C PHE A 60 6.01 -4.27 -10.65
N SER A 61 5.94 -5.02 -11.75
CA SER A 61 4.67 -5.31 -12.41
C SER A 61 3.84 -6.28 -11.58
N ARG A 62 2.54 -6.33 -11.87
CA ARG A 62 1.65 -7.32 -11.27
C ARG A 62 2.19 -8.74 -11.42
N GLU A 63 2.70 -9.03 -12.61
CA GLU A 63 3.26 -10.35 -12.91
C GLU A 63 4.39 -10.68 -11.93
N GLU A 64 5.29 -9.71 -11.72
CA GLU A 64 6.40 -9.92 -10.80
C GLU A 64 5.98 -10.04 -9.34
N VAL A 65 4.99 -9.24 -8.93
CA VAL A 65 4.49 -9.28 -7.56
C VAL A 65 3.84 -10.65 -7.30
N THR A 66 3.03 -11.10 -8.26
CA THR A 66 2.43 -12.43 -8.25
C THR A 66 3.47 -13.55 -8.15
N GLY A 67 4.58 -13.40 -8.85
CA GLY A 67 5.69 -14.34 -8.74
C GLY A 67 6.22 -14.50 -7.32
N TYR A 68 6.32 -13.39 -6.58
CA TYR A 68 6.76 -13.42 -5.19
C TYR A 68 5.71 -13.99 -4.25
N GLN A 69 4.44 -13.67 -4.50
CA GLN A 69 3.34 -14.17 -3.69
C GLN A 69 3.11 -15.67 -3.82
N ARG A 70 3.44 -16.22 -4.99
CA ARG A 70 3.28 -17.63 -5.28
C ARG A 70 4.45 -18.46 -4.79
N LYS A 71 5.54 -17.82 -4.37
CA LYS A 71 6.63 -18.55 -3.71
C LYS A 71 6.13 -19.15 -2.40
N SER A 72 6.70 -20.30 -2.03
CA SER A 72 6.32 -20.95 -0.79
C SER A 72 6.75 -20.10 0.39
N MET A 73 6.06 -20.28 1.50
CA MET A 73 6.46 -19.64 2.76
C MET A 73 7.93 -19.89 3.10
N TRP A 74 8.43 -21.08 2.80
CA TRP A 74 9.82 -21.44 3.06
C TRP A 74 10.81 -20.65 2.19
N GLU A 75 10.54 -20.62 0.87
CA GLU A 75 11.39 -19.92 -0.12
C GLU A 75 11.54 -18.43 0.23
N MET A 76 10.42 -17.79 0.54
CA MET A 76 10.41 -16.35 0.81
C MET A 76 11.16 -16.02 2.08
N TRP A 77 10.93 -16.83 3.13
CA TRP A 77 11.65 -16.65 4.38
C TRP A 77 13.16 -16.73 4.22
N GLU A 78 13.61 -17.70 3.41
CA GLU A 78 15.05 -17.81 3.06
C GLU A 78 15.57 -16.49 2.44
N ARG A 79 14.89 -16.05 1.39
CA ARG A 79 15.24 -14.81 0.66
C ARG A 79 15.32 -13.62 1.58
N CYS A 80 14.22 -13.39 2.31
CA CYS A 80 14.12 -12.24 3.19
C CYS A 80 15.08 -12.33 4.37
N ALA A 81 15.33 -13.54 4.86
CA ALA A 81 16.33 -13.73 5.91
C ALA A 81 17.75 -13.44 5.40
N HIS A 82 18.02 -13.75 4.14
CA HIS A 82 19.32 -13.42 3.53
C HIS A 82 19.53 -11.89 3.55
N HIS A 83 18.56 -11.14 3.04
CA HIS A 83 18.65 -9.68 2.94
C HIS A 83 18.80 -9.04 4.31
N LEU A 84 18.03 -9.54 5.28
CA LEU A 84 18.13 -9.03 6.65
C LEU A 84 19.54 -9.25 7.18
N THR A 85 20.07 -10.46 7.00
CA THR A 85 21.42 -10.81 7.46
C THR A 85 22.45 -9.87 6.86
N GLU A 86 22.39 -9.65 5.53
CA GLU A 86 23.25 -8.67 4.87
C GLU A 86 23.12 -7.29 5.52
N ALA A 87 21.90 -6.80 5.64
CA ALA A 87 21.68 -5.51 6.28
C ALA A 87 22.34 -5.43 7.66
N ILE A 88 22.21 -6.49 8.47
CA ILE A 88 22.80 -6.51 9.81
C ILE A 88 24.32 -6.50 9.74
N GLN A 89 24.90 -7.27 8.82
CA GLN A 89 26.38 -7.30 8.63
C GLN A 89 26.95 -5.91 8.44
N TYR A 90 26.34 -5.16 7.52
CA TYR A 90 26.73 -3.77 7.25
C TYR A 90 26.59 -2.86 8.48
N VAL A 91 25.57 -3.10 9.29
CA VAL A 91 25.40 -2.37 10.55
C VAL A 91 26.52 -2.70 11.52
N VAL A 92 27.00 -3.94 11.50
CA VAL A 92 28.16 -4.34 12.30
C VAL A 92 29.41 -3.58 11.82
N GLU A 93 29.68 -3.61 10.52
CA GLU A 93 30.78 -2.84 9.95
C GLU A 93 30.71 -1.36 10.34
N PHE A 94 29.52 -0.78 10.29
CA PHE A 94 29.30 0.61 10.76
C PHE A 94 29.68 0.78 12.24
N ALA A 95 29.32 -0.19 13.09
CA ALA A 95 29.61 -0.08 14.53
C ALA A 95 31.10 -0.11 14.80
N LYS A 96 31.77 -1.10 14.22
CA LYS A 96 33.24 -1.23 14.31
C LYS A 96 33.97 0.04 13.88
N ARG A 97 33.38 0.74 12.91
CA ARG A 97 33.95 1.99 12.41
C ARG A 97 33.79 3.19 13.33
N LEU A 98 32.99 3.09 14.39
CA LEU A 98 32.84 4.18 15.35
C LEU A 98 34.02 4.22 16.32
N SER A 99 34.55 5.42 16.58
CA SER A 99 35.71 5.55 17.48
C SER A 99 35.32 5.11 18.89
N GLY A 100 36.04 4.12 19.41
CA GLY A 100 35.79 3.62 20.75
C GLY A 100 35.09 2.29 20.77
N PHE A 101 34.37 1.94 19.71
CA PHE A 101 33.61 0.68 19.69
C PHE A 101 34.50 -0.56 19.78
N MET A 102 35.62 -0.54 19.06
CA MET A 102 36.63 -1.61 19.11
C MET A 102 37.30 -1.74 20.50
N GLU A 103 37.33 -0.64 21.27
CA GLU A 103 37.94 -0.60 22.59
C GLU A 103 37.07 -1.22 23.67
N LEU A 104 35.80 -1.52 23.35
CA LEU A 104 34.92 -2.18 24.31
C LEU A 104 35.23 -3.67 24.36
N CYS A 105 35.04 -4.26 25.53
CA CYS A 105 35.18 -5.70 25.69
C CYS A 105 34.17 -6.43 24.82
N GLN A 106 34.50 -7.65 24.41
CA GLN A 106 33.66 -8.44 23.50
C GLN A 106 32.19 -8.58 23.97
N ASN A 107 31.97 -8.64 25.28
CA ASN A 107 30.61 -8.70 25.82
C ASN A 107 29.81 -7.47 25.41
N ASP A 108 30.38 -6.29 25.66
CA ASP A 108 29.68 -5.02 25.42
C ASP A 108 29.40 -4.75 23.95
N GLN A 109 30.38 -5.03 23.10
CA GLN A 109 30.17 -4.95 21.66
C GLN A 109 28.91 -5.71 21.28
N ILE A 110 28.84 -6.98 21.68
CA ILE A 110 27.72 -7.86 21.36
C ILE A 110 26.40 -7.37 21.96
N VAL A 111 26.41 -6.90 23.21
CA VAL A 111 25.21 -6.37 23.86
C VAL A 111 24.64 -5.20 23.05
N LEU A 112 25.48 -4.23 22.71
CA LEU A 112 25.04 -3.04 21.97
C LEU A 112 24.48 -3.36 20.57
N LEU A 113 25.14 -4.27 19.87
CA LEU A 113 24.64 -4.77 18.59
C LEU A 113 23.33 -5.55 18.71
N LYS A 114 23.18 -6.34 19.77
CA LYS A 114 21.93 -7.07 20.01
C LYS A 114 20.78 -6.11 20.28
N ALA A 115 21.01 -5.11 21.13
CA ALA A 115 19.98 -4.12 21.45
C ALA A 115 19.72 -3.08 20.35
N GLY A 116 20.68 -2.86 19.46
CA GLY A 116 20.64 -1.75 18.49
C GLY A 116 20.44 -2.06 17.02
N ALA A 117 20.85 -3.25 16.60
CA ALA A 117 21.00 -3.52 15.17
C ALA A 117 19.72 -3.34 14.41
N MET A 118 18.67 -4.01 14.86
CA MET A 118 17.38 -4.00 14.17
C MET A 118 16.82 -2.59 14.08
N GLU A 119 16.96 -1.80 15.15
CA GLU A 119 16.56 -0.40 15.06
C GLU A 119 17.33 0.35 13.95
N VAL A 120 18.63 0.11 13.84
CA VAL A 120 19.42 0.76 12.79
C VAL A 120 18.98 0.29 11.40
N VAL A 121 18.74 -1.00 11.24
CA VAL A 121 18.25 -1.54 9.97
C VAL A 121 16.95 -0.84 9.57
N LEU A 122 16.10 -0.62 10.56
CA LEU A 122 14.77 -0.04 10.37
C LEU A 122 14.86 1.44 9.93
N VAL A 123 15.72 2.20 10.60
CA VAL A 123 15.99 3.58 10.22
C VAL A 123 16.63 3.62 8.82
N ARG A 124 17.56 2.72 8.56
CA ARG A 124 18.23 2.65 7.26
C ARG A 124 17.27 2.31 6.13
N MET A 125 16.30 1.48 6.45
CA MET A 125 15.30 1.05 5.50
C MET A 125 14.36 2.20 5.11
N CYS A 126 14.13 3.15 6.01
CA CYS A 126 13.29 4.33 5.71
C CYS A 126 13.78 5.08 4.45
N ARG A 127 15.10 5.05 4.22
CA ARG A 127 15.69 5.58 3.01
C ARG A 127 15.22 4.89 1.75
N ALA A 128 15.00 3.59 1.84
CA ALA A 128 14.48 2.78 0.74
C ALA A 128 12.95 2.79 0.65
N TYR A 129 12.29 3.53 1.54
CA TYR A 129 10.84 3.66 1.56
C TYR A 129 10.41 4.95 0.88
N ASN A 130 9.42 4.83 0.00
CA ASN A 130 8.83 5.93 -0.72
C ASN A 130 7.45 6.19 -0.15
N ALA A 131 7.32 7.25 0.64
CA ALA A 131 6.04 7.60 1.28
C ALA A 131 4.95 8.04 0.32
N ASP A 132 5.32 8.44 -0.90
CA ASP A 132 4.38 8.94 -1.90
C ASP A 132 3.48 7.88 -2.45
N ASN A 133 4.04 6.71 -2.75
CA ASN A 133 3.27 5.57 -3.24
C ASN A 133 3.28 4.36 -2.29
N ARG A 134 3.87 4.50 -1.11
CA ARG A 134 3.95 3.43 -0.11
C ARG A 134 4.60 2.15 -0.63
N THR A 135 5.76 2.29 -1.28
CA THR A 135 6.54 1.15 -1.74
C THR A 135 7.91 1.15 -1.10
N VAL A 136 8.58 -0.01 -1.15
CA VAL A 136 10.00 -0.14 -0.74
C VAL A 136 10.81 -0.74 -1.85
N PHE A 137 12.09 -0.41 -1.86
CA PHE A 137 13.05 -1.08 -2.73
C PHE A 137 13.35 -2.48 -2.17
N PHE A 138 13.23 -3.48 -3.02
CA PHE A 138 13.46 -4.87 -2.64
C PHE A 138 13.84 -5.63 -3.90
N GLU A 139 15.00 -6.28 -3.88
CA GLU A 139 15.52 -7.03 -5.03
C GLU A 139 15.44 -6.28 -6.38
N GLY A 140 15.84 -5.01 -6.38
CA GLY A 140 16.04 -4.26 -7.62
C GLY A 140 14.92 -3.36 -8.11
N LYS A 141 13.72 -3.54 -7.58
CA LYS A 141 12.59 -2.65 -7.89
C LYS A 141 11.82 -2.28 -6.64
N TYR A 142 10.88 -1.35 -6.81
CA TYR A 142 9.99 -0.92 -5.74
C TYR A 142 8.66 -1.66 -5.81
N GLY A 143 8.15 -2.05 -4.65
CA GLY A 143 6.81 -2.64 -4.54
C GLY A 143 6.24 -2.37 -3.17
N GLY A 144 4.94 -2.60 -2.99
CA GLY A 144 4.28 -2.42 -1.70
C GLY A 144 4.30 -3.64 -0.80
N MET A 145 3.64 -3.54 0.36
CA MET A 145 3.49 -4.63 1.36
C MET A 145 3.22 -6.02 0.77
N GLU A 146 2.33 -6.08 -0.22
CA GLU A 146 1.97 -7.32 -0.93
C GLU A 146 3.14 -8.18 -1.41
N LEU A 147 4.31 -7.59 -1.66
CA LEU A 147 5.51 -8.38 -2.01
C LEU A 147 5.81 -9.50 -1.04
N PHE A 148 5.55 -9.25 0.24
CA PHE A 148 5.90 -10.14 1.33
C PHE A 148 4.73 -11.02 1.82
N ARG A 149 3.76 -11.25 0.95
CA ARG A 149 2.55 -11.99 1.35
C ARG A 149 2.87 -13.44 1.72
N ALA A 150 3.84 -14.05 1.04
CA ALA A 150 4.20 -15.44 1.28
C ALA A 150 4.82 -15.68 2.65
N LEU A 151 5.40 -14.65 3.26
CA LEU A 151 5.97 -14.78 4.59
C LEU A 151 4.92 -15.07 5.68
N GLY A 152 3.68 -14.64 5.45
CA GLY A 152 2.61 -14.81 6.42
C GLY A 152 2.70 -13.85 7.59
N CYS A 153 3.18 -12.63 7.37
CA CYS A 153 3.36 -11.63 8.43
C CYS A 153 2.75 -10.28 8.09
N SER A 154 1.57 -10.29 7.46
CA SER A 154 0.90 -9.05 7.02
C SER A 154 0.86 -7.98 8.11
N GLU A 155 0.43 -8.35 9.31
CA GLU A 155 0.42 -7.42 10.44
C GLU A 155 1.83 -6.85 10.70
N LEU A 156 2.83 -7.73 10.79
CA LEU A 156 4.21 -7.29 11.05
C LEU A 156 4.72 -6.33 9.97
N ILE A 157 4.44 -6.68 8.72
CA ILE A 157 4.90 -5.90 7.57
C ILE A 157 4.22 -4.52 7.54
N SER A 158 2.93 -4.45 7.86
CA SER A 158 2.24 -3.15 7.98
C SER A 158 2.87 -2.28 9.05
N SER A 159 3.25 -2.89 10.17
CA SER A 159 3.86 -2.13 11.27
C SER A 159 5.24 -1.60 10.90
N ILE A 160 5.95 -2.38 10.08
CA ILE A 160 7.26 -1.95 9.56
C ILE A 160 7.08 -0.77 8.57
N PHE A 161 6.08 -0.87 7.71
CA PHE A 161 5.76 0.19 6.76
C PHE A 161 5.30 1.47 7.46
N ASP A 162 4.47 1.33 8.49
CA ASP A 162 3.99 2.49 9.23
C ASP A 162 5.13 3.19 9.95
N PHE A 163 6.08 2.41 10.45
CA PHE A 163 7.27 2.98 11.05
C PHE A 163 8.09 3.82 10.05
N SER A 164 8.36 3.22 8.89
CA SER A 164 9.05 3.91 7.82
C SER A 164 8.29 5.16 7.41
N HIS A 165 6.99 5.02 7.21
CA HIS A 165 6.12 6.14 6.85
C HIS A 165 6.28 7.31 7.80
N SER A 166 6.18 7.02 9.09
CA SER A 166 6.20 8.11 10.07
C SER A 166 7.61 8.67 10.22
N LEU A 167 8.62 7.84 10.00
CA LEU A 167 10.00 8.30 10.08
C LEU A 167 10.41 9.13 8.85
N SER A 168 9.79 8.82 7.71
CA SER A 168 10.08 9.53 6.48
C SER A 168 9.56 10.97 6.50
N ALA A 169 8.58 11.22 7.36
CA ALA A 169 8.07 12.57 7.58
C ALA A 169 9.05 13.49 8.33
N LEU A 170 10.14 12.95 8.89
CA LEU A 170 11.21 13.75 9.47
C LEU A 170 12.23 14.21 8.44
N HIS A 171 12.21 13.61 7.25
CA HIS A 171 13.06 14.03 6.14
C HIS A 171 14.55 14.03 6.53
N PHE A 172 14.97 12.95 7.21
CA PHE A 172 16.35 12.80 7.70
C PHE A 172 17.34 12.85 6.55
N SER A 173 18.32 13.76 6.66
CA SER A 173 19.45 13.77 5.73
C SER A 173 20.34 12.56 6.00
N GLU A 174 21.19 12.25 5.02
CA GLU A 174 22.18 11.21 5.18
C GLU A 174 23.02 11.40 6.44
N ASP A 175 23.54 12.61 6.60
CA ASP A 175 24.41 12.92 7.74
C ASP A 175 23.65 12.70 9.05
N GLU A 176 22.35 13.04 9.06
CA GLU A 176 21.51 12.88 10.23
C GLU A 176 21.26 11.43 10.59
N ILE A 177 21.05 10.59 9.57
CA ILE A 177 20.92 9.15 9.79
C ILE A 177 22.21 8.62 10.44
N ALA A 178 23.34 9.00 9.85
CA ALA A 178 24.64 8.58 10.32
C ALA A 178 24.80 8.83 11.82
N LEU A 179 24.54 10.07 12.22
CA LEU A 179 24.70 10.49 13.60
C LEU A 179 23.67 9.91 14.54
N TYR A 180 22.43 9.76 14.04
CA TYR A 180 21.33 9.24 14.85
C TYR A 180 21.44 7.72 15.05
N THR A 181 21.74 6.97 13.98
CA THR A 181 21.96 5.54 14.09
C THR A 181 23.16 5.24 14.99
N ALA A 182 24.17 6.14 14.97
CA ALA A 182 25.30 6.03 15.88
C ALA A 182 24.84 6.06 17.34
N LEU A 183 23.97 7.02 17.67
CA LEU A 183 23.39 7.13 19.02
C LEU A 183 22.44 5.99 19.42
N VAL A 184 21.80 5.36 18.43
CA VAL A 184 20.96 4.18 18.67
C VAL A 184 21.80 3.02 19.20
N LEU A 185 22.91 2.73 18.51
CA LEU A 185 23.83 1.66 18.92
C LEU A 185 24.54 1.97 20.23
N ILE A 186 25.07 3.20 20.34
CA ILE A 186 25.93 3.58 21.46
C ILE A 186 25.07 4.16 22.58
N ASN A 187 24.36 3.26 23.24
CA ASN A 187 23.42 3.60 24.29
C ASN A 187 23.88 2.94 25.59
N ALA A 188 24.18 3.76 26.59
CA ALA A 188 24.72 3.29 27.88
C ALA A 188 23.71 2.61 28.79
N HIS A 189 22.43 2.87 28.58
CA HIS A 189 21.32 2.30 29.36
C HIS A 189 21.00 0.80 29.09
N ARG A 190 21.72 0.18 28.15
CA ARG A 190 21.48 -1.24 27.81
C ARG A 190 21.77 -2.17 28.98
N PRO A 191 20.83 -3.08 29.30
CA PRO A 191 21.12 -4.17 30.24
C PRO A 191 22.22 -5.12 29.76
N GLY A 192 23.08 -5.55 30.69
CA GLY A 192 24.13 -6.55 30.43
C GLY A 192 25.51 -5.98 30.18
N LEU A 193 25.70 -4.68 30.42
CA LEU A 193 26.91 -3.96 29.98
C LEU A 193 27.96 -4.02 31.09
N GLN A 194 29.17 -4.46 30.74
CA GLN A 194 30.33 -4.37 31.66
C GLN A 194 30.67 -2.90 31.95
N GLU A 195 31.09 -2.18 30.91
CA GLU A 195 31.71 -0.86 31.09
C GLU A 195 30.74 0.27 30.75
N LYS A 196 29.77 0.46 31.65
CA LYS A 196 28.80 1.55 31.51
C LYS A 196 29.48 2.93 31.36
N ARG A 197 30.53 3.17 32.15
CA ARG A 197 31.21 4.48 32.15
C ARG A 197 31.87 4.81 30.81
N LYS A 198 32.47 3.80 30.18
CA LYS A 198 33.15 3.96 28.89
C LYS A 198 32.15 4.25 27.77
N VAL A 199 31.07 3.47 27.76
CA VAL A 199 29.99 3.69 26.80
C VAL A 199 29.37 5.07 26.99
N GLU A 200 29.16 5.47 28.25
CA GLU A 200 28.66 6.82 28.56
C GLU A 200 29.50 7.92 27.91
N GLN A 201 30.82 7.76 27.92
CA GLN A 201 31.72 8.73 27.31
C GLN A 201 31.55 8.77 25.79
N LEU A 202 31.50 7.60 25.16
CA LEU A 202 31.26 7.49 23.71
C LEU A 202 29.93 8.14 23.33
N GLN A 203 28.86 7.70 24.01
CA GLN A 203 27.52 8.27 23.86
C GLN A 203 27.56 9.78 23.94
N TYR A 204 28.19 10.30 24.99
CA TYR A 204 28.25 11.73 25.26
C TYR A 204 28.90 12.49 24.12
N ASN A 205 30.01 11.95 23.60
CA ASN A 205 30.71 12.55 22.45
C ASN A 205 29.83 12.56 21.19
N LEU A 206 29.15 11.44 20.94
CA LEU A 206 28.16 11.33 19.86
C LEU A 206 26.97 12.27 20.03
N GLU A 207 26.51 12.46 21.28
CA GLU A 207 25.46 13.44 21.58
C GLU A 207 25.91 14.85 21.23
N LEU A 208 27.11 15.22 21.67
CA LEU A 208 27.73 16.51 21.29
C LEU A 208 27.80 16.68 19.78
N ALA A 209 28.25 15.63 19.09
CA ALA A 209 28.38 15.63 17.63
C ALA A 209 27.04 15.82 16.92
N PHE A 210 26.00 15.14 17.43
CA PHE A 210 24.66 15.22 16.84
C PHE A 210 24.13 16.63 16.98
N HIS A 211 24.11 17.12 18.23
CA HIS A 211 23.59 18.46 18.55
C HIS A 211 24.38 19.59 17.89
N HIS A 212 25.69 19.40 17.71
CA HIS A 212 26.52 20.38 16.99
C HIS A 212 26.08 20.48 15.53
N HIS A 213 26.10 19.34 14.81
CA HIS A 213 25.68 19.30 13.41
C HIS A 213 24.26 19.83 13.19
N LEU A 214 23.37 19.62 14.16
CA LEU A 214 22.03 20.19 14.07
C LEU A 214 22.05 21.72 14.20
N GLU A 215 22.92 22.26 15.06
CA GLU A 215 23.06 23.70 15.21
C GLU A 215 23.54 24.35 13.91
N LYS A 216 24.63 23.85 13.34
CA LYS A 216 25.20 24.44 12.10
C LYS A 216 24.27 24.34 10.89
N THR A 217 23.45 23.28 10.82
CA THR A 217 22.49 23.08 9.73
C THR A 217 21.08 23.63 10.02
N HIS A 218 20.91 24.31 11.17
CA HIS A 218 19.63 24.95 11.57
C HIS A 218 18.48 23.96 11.78
N ARG A 219 18.80 22.71 12.10
CA ARG A 219 17.80 21.66 12.20
C ARG A 219 17.58 21.19 13.62
N GLN A 220 17.52 22.15 14.54
CA GLN A 220 17.28 21.85 15.96
C GLN A 220 15.83 21.42 16.19
N SER A 221 14.93 21.82 15.29
CA SER A 221 13.49 21.52 15.43
C SER A 221 13.13 20.03 15.53
N ILE A 222 13.93 19.16 14.91
CA ILE A 222 13.70 17.71 14.93
C ILE A 222 13.90 17.02 16.29
N LEU A 223 14.74 17.62 17.16
CA LEU A 223 15.00 17.05 18.48
C LEU A 223 13.73 16.75 19.27
N ALA A 224 12.74 17.63 19.16
CA ALA A 224 11.45 17.48 19.84
C ALA A 224 10.59 16.29 19.40
N LYS A 225 10.81 15.78 18.18
CA LYS A 225 9.88 14.87 17.50
C LYS A 225 10.50 13.53 17.08
N LEU A 226 11.20 12.89 18.01
CA LEU A 226 11.80 11.56 17.79
C LEU A 226 11.58 10.61 18.98
N SER B 26 -30.41 -2.81 -34.79
CA SER B 26 -30.26 -1.48 -35.45
C SER B 26 -29.37 -0.54 -34.62
N LEU B 27 -28.54 0.24 -35.31
CA LEU B 27 -27.61 1.18 -34.67
C LEU B 27 -28.23 2.13 -33.67
N THR B 28 -29.45 2.60 -33.92
CA THR B 28 -30.12 3.56 -33.04
C THR B 28 -30.68 2.91 -31.77
N GLU B 29 -31.07 1.64 -31.88
CA GLU B 29 -31.53 0.84 -30.74
C GLU B 29 -30.41 0.61 -29.73
N ILE B 30 -29.24 0.23 -30.25
CA ILE B 30 -28.01 0.01 -29.47
C ILE B 30 -27.49 1.30 -28.82
N GLU B 31 -27.51 2.38 -29.60
CA GLU B 31 -27.13 3.71 -29.10
C GLU B 31 -28.08 4.23 -28.02
N HIS B 32 -29.34 3.80 -28.02
CA HIS B 32 -30.29 4.16 -26.95
C HIS B 32 -30.04 3.34 -25.67
N LEU B 33 -29.59 2.09 -25.85
CA LEU B 33 -29.25 1.23 -24.73
C LEU B 33 -28.02 1.75 -23.97
N VAL B 34 -26.97 2.19 -24.69
CA VAL B 34 -25.81 2.87 -24.07
C VAL B 34 -26.25 4.12 -23.29
N GLN B 35 -27.01 5.01 -23.91
CA GLN B 35 -27.53 6.21 -23.25
C GLN B 35 -28.29 5.84 -21.98
N SER B 36 -29.11 4.79 -22.10
CA SER B 36 -29.94 4.32 -20.99
C SER B 36 -29.11 3.75 -19.82
N VAL B 37 -28.20 2.83 -20.15
CA VAL B 37 -27.33 2.19 -19.16
C VAL B 37 -26.49 3.24 -18.44
N CYS B 38 -25.87 4.12 -19.22
CA CYS B 38 -25.07 5.22 -18.66
C CYS B 38 -25.85 6.14 -17.73
N LYS B 39 -27.11 6.44 -18.09
CA LYS B 39 -27.96 7.29 -17.24
C LYS B 39 -28.34 6.57 -15.94
N SER B 40 -28.72 5.29 -16.06
CA SER B 40 -29.03 4.46 -14.90
C SER B 40 -27.84 4.34 -13.94
N TYR B 41 -26.65 4.17 -14.51
CA TYR B 41 -25.42 4.19 -13.73
C TYR B 41 -25.23 5.53 -13.03
N ARG B 42 -25.27 6.63 -13.77
CA ARG B 42 -25.04 7.99 -13.21
C ARG B 42 -26.00 8.33 -12.07
N GLU B 43 -27.27 7.97 -12.21
CA GLU B 43 -28.28 8.22 -11.18
C GLU B 43 -28.23 7.23 -9.98
N THR B 44 -27.45 6.15 -10.11
CA THR B 44 -27.22 5.20 -9.02
C THR B 44 -25.76 5.10 -8.57
N CYS B 45 -24.87 5.90 -9.17
CA CYS B 45 -23.49 5.99 -8.66
C CYS B 45 -23.62 6.62 -7.28
N GLN B 46 -22.83 6.14 -6.34
CA GLN B 46 -23.05 6.53 -4.96
C GLN B 46 -22.35 7.85 -4.72
N LEU B 47 -21.14 7.96 -5.25
CA LEU B 47 -20.29 9.14 -5.13
C LEU B 47 -20.04 9.66 -6.54
N ARG B 48 -20.07 10.97 -6.73
CA ARG B 48 -19.68 11.53 -8.02
C ARG B 48 -18.16 11.44 -8.12
N LEU B 49 -17.70 11.13 -9.33
CA LEU B 49 -16.26 10.96 -9.55
C LEU B 49 -15.46 12.25 -9.27
N GLU B 50 -16.03 13.39 -9.64
CA GLU B 50 -15.36 14.68 -9.39
C GLU B 50 -15.05 14.91 -7.92
N ASP B 51 -15.96 14.50 -7.04
CA ASP B 51 -15.74 14.56 -5.59
C ASP B 51 -14.64 13.59 -5.15
N LEU B 52 -14.64 12.38 -5.74
CA LEU B 52 -13.62 11.40 -5.44
C LEU B 52 -12.23 11.90 -5.83
N LEU B 53 -12.12 12.47 -7.03
CA LEU B 53 -10.83 13.00 -7.52
C LEU B 53 -10.38 14.23 -6.72
N ARG B 54 -11.29 15.15 -6.47
CA ARG B 54 -10.98 16.35 -5.67
C ARG B 54 -10.46 16.00 -4.29
N GLN B 55 -11.11 15.06 -3.63
CA GLN B 55 -10.74 14.66 -2.27
C GLN B 55 -9.44 13.87 -2.13
N ARG B 56 -8.81 13.49 -3.24
CA ARG B 56 -7.53 12.76 -3.23
C ARG B 56 -6.42 13.38 -2.37
N SER B 57 -6.37 14.70 -2.31
CA SER B 57 -5.32 15.38 -1.51
C SER B 57 -5.65 15.47 -0.02
N ASN B 58 -6.89 15.14 0.33
CA ASN B 58 -7.37 15.14 1.71
C ASN B 58 -7.12 13.77 2.34
N ILE B 59 -5.93 13.59 2.91
CA ILE B 59 -5.46 12.31 3.46
C ILE B 59 -5.62 12.30 4.99
N PHE B 60 -6.02 11.16 5.54
CA PHE B 60 -6.10 10.98 6.99
C PHE B 60 -4.71 11.16 7.62
N SER B 61 -4.65 11.92 8.72
CA SER B 61 -3.45 12.01 9.56
C SER B 61 -3.21 10.71 10.30
N ARG B 62 -1.98 10.52 10.77
CA ARG B 62 -1.64 9.39 11.64
C ARG B 62 -2.57 9.31 12.84
N GLU B 63 -2.88 10.46 13.43
CA GLU B 63 -3.79 10.52 14.57
C GLU B 63 -5.15 9.91 14.22
N GLU B 64 -5.67 10.29 13.06
CA GLU B 64 -6.97 9.75 12.60
C GLU B 64 -6.92 8.25 12.25
N VAL B 65 -5.83 7.82 11.64
CA VAL B 65 -5.65 6.40 11.30
C VAL B 65 -5.59 5.56 12.57
N THR B 66 -4.82 6.04 13.54
CA THR B 66 -4.73 5.45 14.88
C THR B 66 -6.10 5.36 15.57
N GLY B 67 -6.92 6.39 15.41
CA GLY B 67 -8.29 6.36 15.90
C GLY B 67 -9.12 5.20 15.38
N TYR B 68 -8.97 4.89 14.09
CA TYR B 68 -9.67 3.76 13.46
C TYR B 68 -9.09 2.41 13.89
N GLN B 69 -7.78 2.34 14.03
CA GLN B 69 -7.10 1.10 14.45
C GLN B 69 -7.40 0.71 15.90
N ARG B 70 -7.66 1.72 16.74
CA ARG B 70 -7.94 1.50 18.16
C ARG B 70 -9.41 1.18 18.39
N LYS B 71 -10.26 1.32 17.38
CA LYS B 71 -11.64 0.86 17.47
C LYS B 71 -11.67 -0.66 17.66
N SER B 72 -12.66 -1.15 18.39
CA SER B 72 -12.76 -2.57 18.65
C SER B 72 -13.11 -3.27 17.34
N MET B 73 -12.75 -4.55 17.27
CA MET B 73 -13.14 -5.37 16.14
C MET B 73 -14.65 -5.30 15.84
N TRP B 74 -15.45 -5.23 16.89
CA TRP B 74 -16.90 -5.14 16.76
C TRP B 74 -17.38 -3.83 16.14
N GLU B 75 -16.87 -2.71 16.67
CA GLU B 75 -17.20 -1.35 16.19
C GLU B 75 -16.88 -1.16 14.70
N MET B 76 -15.70 -1.61 14.30
CA MET B 76 -15.25 -1.44 12.92
C MET B 76 -16.08 -2.27 11.96
N TRP B 77 -16.36 -3.52 12.34
CA TRP B 77 -17.21 -4.39 11.53
C TRP B 77 -18.59 -3.81 11.30
N GLU B 78 -19.17 -3.21 12.34
CA GLU B 78 -20.45 -2.47 12.20
C GLU B 78 -20.35 -1.37 11.14
N ARG B 79 -19.37 -0.49 11.31
CA ARG B 79 -19.11 0.63 10.38
C ARG B 79 -18.95 0.16 8.94
N CYS B 80 -18.02 -0.76 8.75
CA CYS B 80 -17.71 -1.27 7.43
C CYS B 80 -18.85 -2.06 6.83
N ALA B 81 -19.59 -2.78 7.65
CA ALA B 81 -20.78 -3.50 7.19
C ALA B 81 -21.88 -2.52 6.75
N HIS B 82 -21.99 -1.38 7.43
CA HIS B 82 -22.93 -0.35 7.02
C HIS B 82 -22.61 0.16 5.60
N HIS B 83 -21.37 0.57 5.39
CA HIS B 83 -20.92 1.12 4.10
C HIS B 83 -21.13 0.11 2.96
N LEU B 84 -20.78 -1.16 3.24
CA LEU B 84 -20.95 -2.21 2.24
C LEU B 84 -22.43 -2.35 1.87
N THR B 85 -23.29 -2.38 2.89
CA THR B 85 -24.74 -2.50 2.68
C THR B 85 -25.26 -1.36 1.81
N GLU B 86 -24.86 -0.13 2.12
CA GLU B 86 -25.21 1.03 1.29
C GLU B 86 -24.75 0.81 -0.16
N ALA B 87 -23.48 0.45 -0.34
CA ALA B 87 -22.98 0.20 -1.67
C ALA B 87 -23.82 -0.83 -2.43
N ILE B 88 -24.22 -1.92 -1.75
CA ILE B 88 -25.04 -2.97 -2.38
C ILE B 88 -26.43 -2.43 -2.74
N GLN B 89 -27.05 -1.64 -1.85
CA GLN B 89 -28.37 -1.03 -2.12
C GLN B 89 -28.39 -0.29 -3.45
N TYR B 90 -27.39 0.58 -3.64
CA TYR B 90 -27.24 1.34 -4.89
C TYR B 90 -27.06 0.43 -6.12
N VAL B 91 -26.35 -0.68 -5.95
CA VAL B 91 -26.20 -1.68 -7.01
C VAL B 91 -27.54 -2.31 -7.35
N VAL B 92 -28.39 -2.51 -6.34
CA VAL B 92 -29.75 -3.01 -6.57
C VAL B 92 -30.56 -2.00 -7.41
N GLU B 93 -30.56 -0.73 -6.97
CA GLU B 93 -31.20 0.33 -7.74
C GLU B 93 -30.72 0.36 -9.20
N PHE B 94 -29.42 0.22 -9.41
CA PHE B 94 -28.86 0.11 -10.77
C PHE B 94 -29.41 -1.06 -11.56
N ALA B 95 -29.56 -2.22 -10.90
CA ALA B 95 -30.05 -3.44 -11.58
C ALA B 95 -31.50 -3.28 -12.04
N LYS B 96 -32.35 -2.82 -11.11
CA LYS B 96 -33.74 -2.52 -11.39
C LYS B 96 -33.91 -1.56 -12.57
N ARG B 97 -32.97 -0.63 -12.72
CA ARG B 97 -33.00 0.34 -13.81
C ARG B 97 -32.60 -0.22 -15.19
N LEU B 98 -32.07 -1.43 -15.24
CA LEU B 98 -31.56 -1.98 -16.51
C LEU B 98 -32.68 -2.54 -17.36
N SER B 99 -32.59 -2.29 -18.68
CA SER B 99 -33.53 -2.85 -19.65
C SER B 99 -33.54 -4.37 -19.61
N GLY B 100 -34.70 -4.94 -19.28
CA GLY B 100 -34.87 -6.37 -19.23
C GLY B 100 -34.83 -6.97 -17.84
N PHE B 101 -34.20 -6.30 -16.88
CA PHE B 101 -33.99 -6.87 -15.55
C PHE B 101 -35.31 -7.09 -14.80
N MET B 102 -36.22 -6.12 -14.87
CA MET B 102 -37.54 -6.27 -14.24
C MET B 102 -38.43 -7.32 -14.92
N GLU B 103 -38.14 -7.62 -16.17
CA GLU B 103 -38.87 -8.63 -16.95
C GLU B 103 -38.49 -10.06 -16.59
N LEU B 104 -37.42 -10.24 -15.82
CA LEU B 104 -37.03 -11.56 -15.36
C LEU B 104 -37.90 -12.02 -14.20
N CYS B 105 -38.13 -13.32 -14.12
CA CYS B 105 -38.79 -13.91 -12.96
C CYS B 105 -37.98 -13.64 -11.68
N GLN B 106 -38.69 -13.57 -10.55
CA GLN B 106 -38.08 -13.28 -9.24
C GLN B 106 -36.88 -14.16 -8.88
N ASN B 107 -36.88 -15.42 -9.32
CA ASN B 107 -35.74 -16.31 -9.08
C ASN B 107 -34.48 -15.75 -9.73
N ASP B 108 -34.58 -15.42 -11.01
CA ASP B 108 -33.44 -14.97 -11.80
C ASP B 108 -32.87 -13.63 -11.34
N GLN B 109 -33.74 -12.69 -11.04
CA GLN B 109 -33.33 -11.42 -10.45
C GLN B 109 -32.41 -11.67 -9.27
N ILE B 110 -32.88 -12.50 -8.33
CA ILE B 110 -32.14 -12.82 -7.11
C ILE B 110 -30.82 -13.55 -7.39
N VAL B 111 -30.84 -14.51 -8.32
CA VAL B 111 -29.63 -15.24 -8.68
C VAL B 111 -28.56 -14.29 -9.21
N LEU B 112 -28.94 -13.42 -10.15
CA LEU B 112 -27.99 -12.48 -10.78
C LEU B 112 -27.40 -11.47 -9.78
N LEU B 113 -28.23 -10.96 -8.88
CA LEU B 113 -27.76 -10.10 -7.79
C LEU B 113 -26.85 -10.84 -6.79
N LYS B 114 -27.16 -12.09 -6.49
CA LYS B 114 -26.31 -12.90 -5.60
C LYS B 114 -24.94 -13.13 -6.23
N ALA B 115 -24.92 -13.51 -7.50
CA ALA B 115 -23.67 -13.77 -8.22
C ALA B 115 -22.89 -12.52 -8.62
N GLY B 116 -23.56 -11.38 -8.74
CA GLY B 116 -23.00 -10.20 -9.43
C GLY B 116 -22.78 -8.97 -8.57
N ALA B 117 -23.50 -8.82 -7.48
CA ALA B 117 -23.49 -7.57 -6.73
C ALA B 117 -22.10 -7.20 -6.26
N MET B 118 -21.45 -8.14 -5.56
CA MET B 118 -20.13 -7.93 -5.02
C MET B 118 -19.13 -7.54 -6.08
N GLU B 119 -19.17 -8.20 -7.23
CA GLU B 119 -18.31 -7.81 -8.34
C GLU B 119 -18.56 -6.34 -8.75
N VAL B 120 -19.82 -5.93 -8.83
CA VAL B 120 -20.12 -4.54 -9.20
C VAL B 120 -19.62 -3.57 -8.12
N VAL B 121 -19.83 -3.91 -6.85
CA VAL B 121 -19.34 -3.06 -5.74
C VAL B 121 -17.83 -2.87 -5.89
N LEU B 122 -17.15 -3.95 -6.24
CA LEU B 122 -15.70 -4.00 -6.33
C LEU B 122 -15.19 -3.13 -7.48
N VAL B 123 -15.82 -3.25 -8.65
CA VAL B 123 -15.53 -2.37 -9.79
C VAL B 123 -15.80 -0.92 -9.42
N ARG B 124 -16.94 -0.67 -8.77
CA ARG B 124 -17.32 0.69 -8.38
C ARG B 124 -16.36 1.30 -7.40
N MET B 125 -15.83 0.46 -6.52
CA MET B 125 -14.90 0.89 -5.49
C MET B 125 -13.54 1.28 -6.08
N CYS B 126 -13.15 0.68 -7.19
CA CYS B 126 -11.88 1.03 -7.87
C CYS B 126 -11.83 2.53 -8.22
N ARG B 127 -12.97 3.14 -8.45
CA ARG B 127 -13.10 4.58 -8.62
C ARG B 127 -12.65 5.36 -7.41
N ALA B 128 -12.92 4.82 -6.22
CA ALA B 128 -12.49 5.43 -4.96
C ALA B 128 -11.06 5.08 -4.56
N TYR B 129 -10.39 4.25 -5.38
CA TYR B 129 -9.00 3.90 -5.18
C TYR B 129 -8.04 4.78 -6.00
N ASN B 130 -7.00 5.25 -5.34
CA ASN B 130 -5.96 6.08 -5.91
C ASN B 130 -4.72 5.22 -6.01
N ALA B 131 -4.40 4.78 -7.24
CA ALA B 131 -3.23 3.93 -7.49
C ALA B 131 -1.87 4.60 -7.27
N ASP B 132 -1.86 5.94 -7.25
CA ASP B 132 -0.62 6.71 -7.09
C ASP B 132 -0.01 6.62 -5.72
N ASN B 133 -0.87 6.71 -4.69
CA ASN B 133 -0.43 6.60 -3.30
C ASN B 133 -1.02 5.38 -2.56
N ARG B 134 -1.75 4.53 -3.28
CA ARG B 134 -2.37 3.33 -2.71
C ARG B 134 -3.29 3.62 -1.51
N THR B 135 -4.17 4.59 -1.67
CA THR B 135 -5.18 4.92 -0.67
C THR B 135 -6.58 4.76 -1.26
N VAL B 136 -7.58 4.67 -0.37
CA VAL B 136 -9.01 4.71 -0.74
C VAL B 136 -9.74 5.80 0.00
N PHE B 137 -10.79 6.32 -0.61
CA PHE B 137 -11.73 7.22 0.06
C PHE B 137 -12.60 6.41 1.01
N PHE B 138 -12.65 6.85 2.26
CA PHE B 138 -13.40 6.18 3.29
C PHE B 138 -13.77 7.20 4.35
N GLU B 139 -15.06 7.35 4.61
CA GLU B 139 -15.58 8.34 5.57
C GLU B 139 -14.96 9.75 5.46
N GLY B 140 -14.88 10.25 4.23
CA GLY B 140 -14.55 11.67 3.98
C GLY B 140 -13.11 12.01 3.64
N LYS B 141 -12.17 11.10 3.91
CA LYS B 141 -10.78 11.29 3.54
C LYS B 141 -10.20 10.03 2.90
N TYR B 142 -8.98 10.15 2.39
CA TYR B 142 -8.24 9.02 1.81
C TYR B 142 -7.26 8.45 2.82
N GLY B 143 -7.16 7.13 2.87
CA GLY B 143 -6.15 6.45 3.68
C GLY B 143 -5.83 5.10 3.07
N GLY B 144 -4.75 4.47 3.53
CA GLY B 144 -4.34 3.15 3.04
C GLY B 144 -4.97 1.98 3.81
N MET B 145 -4.57 0.76 3.43
CA MET B 145 -4.98 -0.51 4.06
C MET B 145 -5.10 -0.46 5.60
N GLU B 146 -4.10 0.16 6.24
CA GLU B 146 -4.06 0.31 7.70
C GLU B 146 -5.35 0.81 8.36
N LEU B 147 -6.18 1.57 7.63
CA LEU B 147 -7.48 2.00 8.16
C LEU B 147 -8.33 0.84 8.73
N PHE B 148 -8.25 -0.30 8.06
CA PHE B 148 -9.09 -1.46 8.34
C PHE B 148 -8.41 -2.54 9.20
N ARG B 149 -7.40 -2.13 9.98
CA ARG B 149 -6.65 -3.08 10.82
C ARG B 149 -7.54 -3.73 11.89
N ALA B 150 -8.51 -2.99 12.42
CA ALA B 150 -9.36 -3.50 13.48
C ALA B 150 -10.30 -4.62 13.03
N LEU B 151 -10.57 -4.71 11.73
CA LEU B 151 -11.38 -5.80 11.19
C LEU B 151 -10.75 -7.18 11.35
N GLY B 152 -9.42 -7.25 11.40
CA GLY B 152 -8.69 -8.50 11.46
C GLY B 152 -8.69 -9.29 10.18
N CYS B 153 -8.66 -8.60 9.03
CA CYS B 153 -8.69 -9.25 7.71
C CYS B 153 -7.57 -8.78 6.80
N SER B 154 -6.36 -8.60 7.35
CA SER B 154 -5.23 -8.06 6.58
C SER B 154 -5.05 -8.74 5.22
N GLU B 155 -5.04 -10.06 5.19
CA GLU B 155 -4.96 -10.78 3.91
C GLU B 155 -6.09 -10.38 2.95
N LEU B 156 -7.33 -10.41 3.45
CA LEU B 156 -8.49 -10.07 2.64
C LEU B 156 -8.43 -8.63 2.11
N ILE B 157 -8.02 -7.70 2.98
CA ILE B 157 -7.95 -6.29 2.63
C ILE B 157 -6.86 -6.05 1.58
N SER B 158 -5.71 -6.73 1.70
CA SER B 158 -4.67 -6.61 0.67
C SER B 158 -5.15 -7.13 -0.67
N SER B 159 -5.92 -8.21 -0.66
CA SER B 159 -6.45 -8.78 -1.90
C SER B 159 -7.46 -7.87 -2.54
N ILE B 160 -8.23 -7.15 -1.74
CA ILE B 160 -9.18 -6.14 -2.23
C ILE B 160 -8.42 -4.95 -2.84
N PHE B 161 -7.36 -4.51 -2.18
CA PHE B 161 -6.53 -3.42 -2.69
C PHE B 161 -5.81 -3.81 -3.99
N ASP B 162 -5.29 -5.02 -4.04
CA ASP B 162 -4.60 -5.50 -5.24
C ASP B 162 -5.54 -5.62 -6.41
N PHE B 163 -6.77 -6.03 -6.12
CA PHE B 163 -7.81 -6.06 -7.15
C PHE B 163 -8.12 -4.67 -7.71
N SER B 164 -8.33 -3.70 -6.83
CA SER B 164 -8.52 -2.30 -7.21
C SER B 164 -7.33 -1.80 -8.02
N HIS B 165 -6.12 -2.03 -7.49
CA HIS B 165 -4.90 -1.65 -8.18
C HIS B 165 -4.86 -2.16 -9.62
N SER B 166 -5.11 -3.44 -9.80
CA SER B 166 -4.96 -4.05 -11.10
C SER B 166 -6.13 -3.65 -12.02
N LEU B 167 -7.29 -3.38 -11.43
CA LEU B 167 -8.45 -2.95 -12.19
C LEU B 167 -8.33 -1.48 -12.60
N SER B 168 -7.62 -0.69 -11.82
CA SER B 168 -7.43 0.72 -12.12
C SER B 168 -6.48 0.90 -13.32
N ALA B 169 -5.67 -0.10 -13.61
CA ALA B 169 -4.87 -0.13 -14.84
C ALA B 169 -5.68 -0.36 -16.12
N LEU B 170 -6.96 -0.69 -16.01
CA LEU B 170 -7.88 -0.71 -17.16
C LEU B 170 -8.49 0.65 -17.45
N HIS B 171 -8.42 1.55 -16.46
CA HIS B 171 -8.74 2.96 -16.67
C HIS B 171 -10.15 3.16 -17.23
N PHE B 172 -11.11 2.46 -16.64
CA PHE B 172 -12.50 2.57 -17.03
C PHE B 172 -13.03 3.99 -16.88
N SER B 173 -13.57 4.55 -17.97
CA SER B 173 -14.37 5.77 -17.90
C SER B 173 -15.69 5.49 -17.18
N GLU B 174 -16.37 6.54 -16.77
CA GLU B 174 -17.70 6.40 -16.17
C GLU B 174 -18.65 5.61 -17.06
N ASP B 175 -18.73 5.97 -18.33
CA ASP B 175 -19.65 5.29 -19.26
C ASP B 175 -19.25 3.82 -19.39
N GLU B 176 -17.95 3.55 -19.36
CA GLU B 176 -17.45 2.18 -19.45
C GLU B 176 -17.76 1.34 -18.22
N ILE B 177 -17.70 1.94 -17.04
CA ILE B 177 -18.13 1.26 -15.82
C ILE B 177 -19.60 0.89 -15.95
N ALA B 178 -20.41 1.86 -16.36
CA ALA B 178 -21.83 1.66 -16.54
C ALA B 178 -22.12 0.42 -17.38
N LEU B 179 -21.51 0.38 -18.56
CA LEU B 179 -21.72 -0.69 -19.51
C LEU B 179 -21.13 -2.02 -19.06
N TYR B 180 -19.97 -1.97 -18.41
CA TYR B 180 -19.25 -3.16 -17.96
C TYR B 180 -19.91 -3.78 -16.73
N THR B 181 -20.29 -2.97 -15.74
CA THR B 181 -21.03 -3.45 -14.57
C THR B 181 -22.38 -4.03 -15.00
N ALA B 182 -22.98 -3.46 -16.05
CA ALA B 182 -24.21 -4.03 -16.62
C ALA B 182 -23.97 -5.46 -17.10
N LEU B 183 -22.88 -5.69 -17.84
CA LEU B 183 -22.49 -7.04 -18.30
C LEU B 183 -22.10 -8.01 -17.16
N VAL B 184 -21.60 -7.48 -16.05
CA VAL B 184 -21.28 -8.29 -14.87
C VAL B 184 -22.55 -8.91 -14.29
N LEU B 185 -23.57 -8.08 -14.07
CA LEU B 185 -24.88 -8.53 -13.58
C LEU B 185 -25.61 -9.43 -14.56
N ILE B 186 -25.67 -9.01 -15.82
CA ILE B 186 -26.48 -9.68 -16.84
C ILE B 186 -25.64 -10.78 -17.52
N ASN B 187 -25.42 -11.85 -16.76
CA ASN B 187 -24.54 -12.94 -17.17
C ASN B 187 -25.37 -14.21 -17.24
N ALA B 188 -25.44 -14.79 -18.44
CA ALA B 188 -26.30 -15.95 -18.70
C ALA B 188 -25.76 -17.27 -18.14
N HIS B 189 -24.44 -17.33 -17.94
CA HIS B 189 -23.79 -18.57 -17.46
C HIS B 189 -23.87 -18.77 -15.94
N ARG B 190 -24.55 -17.89 -15.20
CA ARG B 190 -24.82 -18.12 -13.76
C ARG B 190 -25.63 -19.41 -13.52
N PRO B 191 -25.15 -20.28 -12.61
CA PRO B 191 -25.96 -21.41 -12.16
C PRO B 191 -27.24 -20.99 -11.43
N GLY B 192 -28.33 -21.71 -11.69
CA GLY B 192 -29.62 -21.52 -10.99
C GLY B 192 -30.65 -20.70 -11.75
N LEU B 193 -30.37 -20.41 -13.03
CA LEU B 193 -31.16 -19.46 -13.81
C LEU B 193 -32.28 -20.19 -14.52
N GLN B 194 -33.52 -19.72 -14.33
CA GLN B 194 -34.68 -20.18 -15.10
C GLN B 194 -34.50 -19.86 -16.59
N GLU B 195 -34.46 -18.57 -16.92
CA GLU B 195 -34.59 -18.12 -18.30
C GLU B 195 -33.23 -17.79 -18.93
N LYS B 196 -32.42 -18.82 -19.16
CA LYS B 196 -31.10 -18.65 -19.77
C LYS B 196 -31.18 -17.93 -21.13
N ARG B 197 -32.15 -18.31 -21.96
CA ARG B 197 -32.29 -17.76 -23.32
C ARG B 197 -32.58 -16.24 -23.31
N LYS B 198 -33.42 -15.80 -22.37
CA LYS B 198 -33.81 -14.40 -22.25
C LYS B 198 -32.62 -13.56 -21.79
N VAL B 199 -31.92 -14.05 -20.77
CA VAL B 199 -30.72 -13.39 -20.26
C VAL B 199 -29.67 -13.33 -21.35
N GLU B 200 -29.49 -14.41 -22.11
CA GLU B 200 -28.56 -14.43 -23.24
C GLU B 200 -28.81 -13.29 -24.22
N GLN B 201 -30.09 -13.00 -24.50
CA GLN B 201 -30.44 -11.92 -25.41
C GLN B 201 -30.07 -10.56 -24.81
N LEU B 202 -30.40 -10.35 -23.54
CA LEU B 202 -30.04 -9.10 -22.84
C LEU B 202 -28.53 -8.90 -22.83
N GLN B 203 -27.81 -9.93 -22.36
CA GLN B 203 -26.34 -9.96 -22.36
C GLN B 203 -25.79 -9.57 -23.74
N TYR B 204 -26.31 -10.23 -24.77
CA TYR B 204 -25.83 -10.03 -26.14
C TYR B 204 -26.00 -8.58 -26.59
N ASN B 205 -27.16 -7.99 -26.29
CA ASN B 205 -27.43 -6.58 -26.59
C ASN B 205 -26.47 -5.65 -25.85
N LEU B 206 -26.23 -5.94 -24.55
CA LEU B 206 -25.23 -5.21 -23.76
C LEU B 206 -23.79 -5.40 -24.27
N GLU B 207 -23.46 -6.60 -24.77
CA GLU B 207 -22.17 -6.85 -25.42
C GLU B 207 -22.00 -5.98 -26.66
N LEU B 208 -23.02 -5.96 -27.52
CA LEU B 208 -23.05 -5.07 -28.70
C LEU B 208 -22.87 -3.60 -28.30
N ALA B 209 -23.60 -3.19 -27.26
CA ALA B 209 -23.53 -1.82 -26.74
C ALA B 209 -22.15 -1.45 -26.22
N PHE B 210 -21.51 -2.38 -25.51
CA PHE B 210 -20.19 -2.16 -24.94
C PHE B 210 -19.18 -1.99 -26.07
N HIS B 211 -19.13 -2.97 -26.96
CA HIS B 211 -18.19 -2.97 -28.10
C HIS B 211 -18.41 -1.79 -29.06
N HIS B 212 -19.65 -1.37 -29.24
CA HIS B 212 -19.96 -0.19 -30.06
C HIS B 212 -19.35 1.06 -29.43
N HIS B 213 -19.73 1.35 -28.19
CA HIS B 213 -19.22 2.52 -27.46
C HIS B 213 -17.69 2.55 -27.40
N LEU B 214 -17.05 1.38 -27.31
CA LEU B 214 -15.58 1.33 -27.36
C LEU B 214 -15.03 1.71 -28.73
N GLU B 215 -15.72 1.30 -29.80
CA GLU B 215 -15.32 1.65 -31.17
C GLU B 215 -15.37 3.17 -31.39
N LYS B 216 -16.52 3.79 -31.08
CA LYS B 216 -16.67 5.24 -31.31
C LYS B 216 -15.77 6.11 -30.44
N THR B 217 -15.43 5.65 -29.24
CA THR B 217 -14.51 6.36 -28.33
C THR B 217 -13.02 5.95 -28.47
N HIS B 218 -12.71 5.07 -29.44
CA HIS B 218 -11.33 4.63 -29.74
C HIS B 218 -10.67 3.85 -28.60
N ARG B 219 -11.48 3.20 -27.76
CA ARG B 219 -10.97 2.52 -26.58
C ARG B 219 -11.08 1.00 -26.71
N GLN B 220 -10.78 0.51 -27.91
CA GLN B 220 -10.80 -0.91 -28.21
C GLN B 220 -9.63 -1.62 -27.52
N SER B 221 -8.57 -0.88 -27.18
CA SER B 221 -7.36 -1.45 -26.56
C SER B 221 -7.59 -2.26 -25.28
N ILE B 222 -8.61 -1.89 -24.50
CA ILE B 222 -8.92 -2.60 -23.24
C ILE B 222 -9.47 -4.02 -23.40
N LEU B 223 -10.11 -4.31 -24.53
CA LEU B 223 -10.71 -5.63 -24.77
C LEU B 223 -9.68 -6.75 -24.62
N ALA B 224 -8.46 -6.49 -25.09
CA ALA B 224 -7.35 -7.45 -25.00
C ALA B 224 -6.87 -7.78 -23.58
N LYS B 225 -7.11 -6.90 -22.62
CA LYS B 225 -6.61 -7.03 -21.25
C LYS B 225 -7.72 -7.10 -20.17
N LEU B 226 -9.00 -7.15 -20.59
CA LEU B 226 -10.11 -7.47 -19.70
C LEU B 226 -10.07 -8.97 -19.45
N PRO B 227 -10.70 -9.45 -18.37
CA PRO B 227 -10.81 -10.90 -18.17
C PRO B 227 -11.64 -11.57 -19.27
N PRO B 228 -11.57 -12.92 -19.39
CA PRO B 228 -12.48 -13.60 -20.34
C PRO B 228 -13.94 -13.51 -19.87
N LYS B 229 -14.89 -13.75 -20.78
CA LYS B 229 -16.34 -13.51 -20.53
C LYS B 229 -16.87 -14.13 -19.21
N GLY B 230 -17.55 -13.30 -18.41
CA GLY B 230 -18.13 -13.72 -17.12
C GLY B 230 -17.16 -14.43 -16.19
N LYS B 231 -15.91 -13.95 -16.16
CA LYS B 231 -14.80 -14.58 -15.41
C LYS B 231 -13.95 -13.47 -14.74
N LEU B 232 -14.63 -12.46 -14.20
CA LEU B 232 -14.01 -11.26 -13.59
C LEU B 232 -13.14 -11.51 -12.31
N ARG B 233 -13.21 -12.72 -11.73
CA ARG B 233 -12.44 -13.06 -10.50
C ARG B 233 -10.92 -12.96 -10.67
N SER B 234 -10.43 -13.32 -11.86
CA SER B 234 -9.01 -13.15 -12.21
C SER B 234 -8.69 -11.69 -12.55
#